data_4KCF
#
_entry.id   4KCF
#
_cell.length_a   70.828
_cell.length_b   81.297
_cell.length_c   152.628
_cell.angle_alpha   90.00
_cell.angle_beta   90.00
_cell.angle_gamma   90.00
#
_symmetry.space_group_name_H-M   'I 2 2 2'
#
loop_
_entity.id
_entity.type
_entity.pdbx_description
1 polymer 'FAD-dependent oxidoreductase'
2 non-polymer '[(2R,4S,6R)-4-azanyl-4,6-dimethyl-5,5-bis(oxidanyl)oxan-2-yl] [[(2R,3S,5R)-5-[5-methyl-2,4-bis(oxidanylidene)pyrimidin-1-yl]-3-oxidanyl-oxolan-2-yl]methoxy-oxidanyl-phosphoryl] hydrogen phosphate'
3 non-polymer 'FLAVIN MONONUCLEOTIDE'
4 water water
#
_entity_poly.entity_id   1
_entity_poly.type   'polypeptide(L)'
_entity_poly.pdbx_seq_one_letter_code
;HHHHHHSSGENLYEQGHMPPWTARQDSTTGLYAPVTPAGRVLLDRLAAHLPRIRSTAAEHDRDGTFPTDTFDALRKDGLM
GATVPAELGGLGVDRLYDVAVALLAVARADASTALALHMQLSRGLTLGYEWRHGDERARTLAERILRGMVAGDAVVCSGI
KDHHTAVTTLRPDGAGGWLLSGRKTLVSMAPVGTHFVINARTDGTDGPPRLASPVVTRDTPGFTVLDNWDGLGMRASGTV
DIVFDDCPIPADHVLMRDPVGARNDAVLAGQTVSSVSVLGVYVGVAQAAYDTAVAALERRPEPPQAAALTLVAEIDSRLY
ALRATAGSALTAADALSADLSGDMDERGRQMMRHFQCAKLAVNRLAPEIVSDCLSLVGGASYTAGHPLARLLRDVQAGRF
MQPYAYVDAVDFLSAQALGIERDNNYMSTWAKRSGGNGKSADAAGPRRPTPTSR
;
_entity_poly.pdbx_strand_id   A
#
# COMPACT_ATOMS: atom_id res chain seq x y z
N ASP A 26 2.80 8.99 -24.32
CA ASP A 26 3.50 10.20 -23.79
C ASP A 26 2.67 10.94 -22.73
N SER A 27 1.62 10.33 -22.22
CA SER A 27 0.78 10.97 -21.20
C SER A 27 1.51 11.24 -19.89
N THR A 28 1.37 12.46 -19.34
CA THR A 28 1.90 12.75 -18.02
C THR A 28 0.84 13.06 -16.93
N THR A 29 -0.42 12.80 -17.22
CA THR A 29 -1.52 13.04 -16.29
C THR A 29 -2.38 11.80 -16.18
N GLY A 30 -3.17 11.75 -15.11
CA GLY A 30 -4.31 10.85 -15.06
C GLY A 30 -3.94 9.39 -14.88
N LEU A 31 -2.65 9.13 -14.67
CA LEU A 31 -2.12 7.78 -14.50
C LEU A 31 -2.38 6.94 -15.76
N TYR A 32 -2.41 7.55 -16.95
CA TYR A 32 -2.74 6.83 -18.18
C TYR A 32 -1.50 6.04 -18.67
N ALA A 33 -0.28 6.43 -18.28
CA ALA A 33 0.97 5.83 -18.77
C ALA A 33 2.10 6.14 -17.82
N PRO A 34 3.07 5.23 -17.71
CA PRO A 34 4.26 5.53 -16.91
C PRO A 34 5.03 6.67 -17.55
N VAL A 35 5.73 7.45 -16.74
CA VAL A 35 6.38 8.63 -17.24
C VAL A 35 7.89 8.37 -17.40
N THR A 36 8.36 7.18 -17.05
CA THR A 36 9.79 6.85 -17.18
C THR A 36 10.00 5.52 -17.87
N PRO A 37 11.16 5.33 -18.56
CA PRO A 37 11.56 4.04 -19.14
C PRO A 37 11.49 2.90 -18.11
N ALA A 38 12.03 2.99 -16.91
CA ALA A 38 11.85 1.88 -15.91
C ALA A 38 10.37 1.53 -15.55
N GLY A 39 9.54 2.56 -15.37
CA GLY A 39 8.08 2.43 -15.23
C GLY A 39 7.49 1.78 -16.46
N ARG A 40 7.90 2.18 -17.66
CA ARG A 40 7.41 1.48 -18.86
C ARG A 40 7.75 -0.02 -18.81
N VAL A 41 8.99 -0.39 -18.50
CA VAL A 41 9.32 -1.81 -18.39
C VAL A 41 8.46 -2.57 -17.38
N LEU A 42 8.35 -1.99 -16.19
CA LEU A 42 7.51 -2.59 -15.15
C LEU A 42 6.13 -2.91 -15.71
N LEU A 43 5.52 -1.93 -16.37
CA LEU A 43 4.19 -2.17 -16.90
C LEU A 43 4.19 -3.21 -18.02
N ASP A 44 5.15 -3.20 -18.96
CA ASP A 44 5.17 -4.24 -20.02
C ASP A 44 5.39 -5.62 -19.43
N ARG A 45 6.29 -5.71 -18.45
CA ARG A 45 6.55 -7.00 -17.81
C ARG A 45 5.29 -7.55 -17.12
N LEU A 46 4.54 -6.69 -16.44
CA LEU A 46 3.34 -7.13 -15.71
C LEU A 46 2.28 -7.73 -16.61
N ALA A 47 2.27 -7.27 -17.85
CA ALA A 47 1.21 -7.63 -18.79
C ALA A 47 1.18 -9.16 -18.88
N ALA A 48 2.38 -9.75 -18.93
CA ALA A 48 2.53 -11.21 -18.94
C ALA A 48 1.83 -11.92 -17.78
N HIS A 49 1.65 -11.26 -16.64
CA HIS A 49 0.99 -11.96 -15.52
C HIS A 49 -0.50 -11.74 -15.36
N LEU A 50 -1.06 -10.81 -16.13
CA LEU A 50 -2.45 -10.42 -16.01
C LEU A 50 -3.37 -11.63 -16.23
N PRO A 51 -3.01 -12.51 -17.20
CA PRO A 51 -3.96 -13.60 -17.45
C PRO A 51 -4.05 -14.56 -16.26
N ARG A 52 -2.94 -14.83 -15.59
CA ARG A 52 -3.04 -15.64 -14.36
C ARG A 52 -3.82 -14.93 -13.24
N ILE A 53 -3.45 -13.67 -13.02
CA ILE A 53 -4.02 -12.87 -11.93
C ILE A 53 -5.51 -12.80 -12.15
N ARG A 54 -5.89 -12.35 -13.34
CA ARG A 54 -7.27 -12.33 -13.77
C ARG A 54 -7.99 -13.67 -13.64
N SER A 55 -7.33 -14.77 -13.99
CA SER A 55 -8.00 -16.06 -13.99
C SER A 55 -8.26 -16.67 -12.61
N THR A 56 -7.37 -16.55 -11.63
CA THR A 56 -7.68 -17.18 -10.35
C THR A 56 -8.38 -16.18 -9.36
N ALA A 57 -8.85 -15.05 -9.89
CA ALA A 57 -9.34 -13.95 -9.02
C ALA A 57 -10.59 -14.39 -8.28
N ALA A 58 -11.56 -14.97 -8.99
CA ALA A 58 -12.87 -15.28 -8.40
C ALA A 58 -12.73 -16.38 -7.36
N GLU A 59 -12.02 -17.45 -7.71
CA GLU A 59 -11.72 -18.51 -6.76
C GLU A 59 -11.00 -18.02 -5.50
N HIS A 60 -9.98 -17.18 -5.63
CA HIS A 60 -9.30 -16.72 -4.42
C HIS A 60 -10.20 -15.83 -3.56
N ASP A 61 -11.01 -15.00 -4.21
CA ASP A 61 -12.03 -14.21 -3.51
C ASP A 61 -13.06 -15.10 -2.78
N ARG A 62 -13.59 -16.12 -3.45
CA ARG A 62 -14.60 -16.94 -2.78
C ARG A 62 -13.97 -17.64 -1.57
N ASP A 63 -12.83 -18.28 -1.76
CA ASP A 63 -12.13 -19.02 -0.70
C ASP A 63 -11.45 -18.15 0.37
N GLY A 64 -11.09 -16.90 0.07
CA GLY A 64 -10.38 -16.04 1.00
C GLY A 64 -8.94 -16.51 1.13
N THR A 65 -8.32 -16.87 0.02
CA THR A 65 -6.98 -17.45 0.04
C THR A 65 -6.03 -16.67 -0.84
N PHE A 66 -4.76 -16.71 -0.47
CA PHE A 66 -3.73 -15.92 -1.13
C PHE A 66 -3.22 -16.51 -2.46
N PRO A 67 -3.06 -15.70 -3.52
CA PRO A 67 -2.64 -16.33 -4.78
C PRO A 67 -1.13 -16.62 -4.73
N THR A 68 -0.67 -17.65 -4.01
CA THR A 68 0.79 -17.78 -3.87
C THR A 68 1.48 -18.02 -5.24
N ASP A 69 0.86 -18.79 -6.11
CA ASP A 69 1.47 -19.03 -7.41
C ASP A 69 1.64 -17.75 -8.22
N THR A 70 0.76 -16.76 -7.97
CA THR A 70 0.92 -15.48 -8.65
C THR A 70 2.22 -14.88 -8.16
N PHE A 71 2.43 -14.91 -6.85
CA PHE A 71 3.60 -14.24 -6.26
C PHE A 71 4.91 -15.04 -6.55
N ASP A 72 4.82 -16.35 -6.67
CA ASP A 72 6.02 -17.13 -7.11
C ASP A 72 6.47 -16.62 -8.48
N ALA A 73 5.52 -16.47 -9.40
CA ALA A 73 5.83 -16.02 -10.74
C ALA A 73 6.44 -14.62 -10.75
N LEU A 74 5.90 -13.67 -9.99
CA LEU A 74 6.48 -12.32 -9.99
C LEU A 74 7.92 -12.31 -9.43
N ARG A 75 8.10 -13.09 -8.37
CA ARG A 75 9.42 -13.32 -7.79
C ARG A 75 10.39 -13.85 -8.85
N LYS A 76 10.05 -14.92 -9.57
CA LYS A 76 10.96 -15.51 -10.56
C LYS A 76 11.22 -14.54 -11.71
N ASP A 77 10.25 -13.69 -12.06
CA ASP A 77 10.35 -12.73 -13.15
C ASP A 77 11.12 -11.45 -12.84
N GLY A 78 11.64 -11.32 -11.62
CA GLY A 78 12.29 -10.08 -11.18
C GLY A 78 11.41 -8.94 -10.66
N LEU A 79 10.10 -9.15 -10.66
CA LEU A 79 9.16 -8.03 -10.49
C LEU A 79 9.05 -7.59 -9.04
N MET A 80 9.28 -8.54 -8.12
CA MET A 80 9.33 -8.24 -6.71
C MET A 80 10.52 -7.39 -6.32
N GLY A 81 11.36 -7.17 -7.32
CA GLY A 81 12.46 -6.23 -7.19
C GLY A 81 12.37 -5.00 -8.07
N ALA A 82 11.19 -4.77 -8.65
CA ALA A 82 10.98 -3.62 -9.53
C ALA A 82 11.41 -2.28 -8.97
N THR A 83 11.20 -2.01 -7.68
CA THR A 83 11.61 -0.73 -7.09
C THR A 83 12.91 -0.77 -6.29
N VAL A 84 13.72 -1.81 -6.48
CA VAL A 84 15.07 -1.79 -5.93
C VAL A 84 15.96 -0.90 -6.80
N PRO A 85 16.81 -0.05 -6.23
CA PRO A 85 17.72 0.70 -7.11
C PRO A 85 18.41 -0.12 -8.19
N ALA A 86 18.56 0.51 -9.35
CA ALA A 86 19.28 -0.12 -10.44
C ALA A 86 20.67 -0.56 -9.98
N GLU A 87 21.32 0.28 -9.17
CA GLU A 87 22.67 0.05 -8.67
C GLU A 87 22.73 -1.29 -7.98
N LEU A 88 21.61 -1.83 -7.50
CA LEU A 88 21.62 -3.06 -6.74
C LEU A 88 21.00 -4.22 -7.48
N GLY A 89 20.83 -4.04 -8.78
CA GLY A 89 20.29 -5.10 -9.61
C GLY A 89 18.79 -5.01 -9.87
N GLY A 90 18.14 -3.95 -9.37
CA GLY A 90 16.68 -3.81 -9.49
C GLY A 90 16.27 -3.15 -10.81
N LEU A 91 14.98 -3.15 -11.15
CA LEU A 91 14.56 -2.37 -12.32
C LEU A 91 14.80 -0.89 -12.13
N GLY A 92 14.96 -0.43 -10.89
CA GLY A 92 15.09 0.99 -10.60
C GLY A 92 13.85 1.86 -10.82
N VAL A 93 12.63 1.33 -10.73
CA VAL A 93 11.45 2.21 -10.78
C VAL A 93 11.54 3.04 -9.52
N ASP A 94 11.58 4.35 -9.66
CA ASP A 94 11.55 5.19 -8.47
C ASP A 94 10.55 6.36 -8.52
N ARG A 95 9.56 6.30 -9.41
CA ARG A 95 8.48 7.28 -9.28
C ARG A 95 7.27 6.63 -8.60
N LEU A 96 6.75 7.28 -7.56
CA LEU A 96 5.46 6.86 -7.07
C LEU A 96 4.36 6.81 -8.14
N TYR A 97 4.37 7.79 -9.04
CA TYR A 97 3.45 7.85 -10.18
C TYR A 97 3.51 6.55 -10.95
N ASP A 98 4.74 6.09 -11.27
CA ASP A 98 4.83 4.88 -12.07
C ASP A 98 4.46 3.69 -11.22
N VAL A 99 4.77 3.69 -9.93
CA VAL A 99 4.28 2.52 -9.15
C VAL A 99 2.73 2.46 -9.22
N ALA A 100 2.09 3.62 -9.04
CA ALA A 100 0.59 3.74 -9.05
C ALA A 100 0.09 3.26 -10.39
N VAL A 101 0.83 3.56 -11.46
CA VAL A 101 0.30 3.18 -12.77
C VAL A 101 0.30 1.67 -12.90
N ALA A 102 1.39 1.05 -12.41
CA ALA A 102 1.51 -0.40 -12.49
C ALA A 102 0.48 -1.09 -11.59
N LEU A 103 0.27 -0.56 -10.40
CA LEU A 103 -0.72 -1.07 -9.44
C LEU A 103 -2.15 -0.96 -9.93
N LEU A 104 -2.41 0.11 -10.69
CA LEU A 104 -3.72 0.32 -11.32
C LEU A 104 -3.94 -0.81 -12.34
N ALA A 105 -2.95 -1.03 -13.20
CA ALA A 105 -3.02 -2.14 -14.16
C ALA A 105 -3.25 -3.46 -13.43
N VAL A 106 -2.46 -3.76 -12.40
CA VAL A 106 -2.70 -5.03 -11.74
C VAL A 106 -4.10 -5.08 -11.11
N ALA A 107 -4.55 -3.98 -10.52
CA ALA A 107 -5.83 -3.97 -9.79
C ALA A 107 -7.00 -4.17 -10.74
N ARG A 108 -6.84 -3.75 -12.00
CA ARG A 108 -7.89 -4.02 -12.98
C ARG A 108 -8.09 -5.53 -13.15
N ALA A 109 -7.02 -6.30 -12.97
CA ALA A 109 -7.08 -7.77 -12.98
C ALA A 109 -7.48 -8.29 -11.61
N ASP A 110 -6.84 -7.85 -10.52
CA ASP A 110 -7.37 -8.23 -9.21
C ASP A 110 -6.88 -7.26 -8.14
N ALA A 111 -7.79 -6.68 -7.36
CA ALA A 111 -7.38 -5.62 -6.43
C ALA A 111 -6.55 -6.19 -5.29
N SER A 112 -6.88 -7.36 -4.77
CA SER A 112 -6.09 -7.93 -3.66
C SER A 112 -4.61 -8.16 -3.99
N THR A 113 -4.33 -8.53 -5.23
CA THR A 113 -2.97 -8.87 -5.67
C THR A 113 -2.22 -7.56 -5.73
N ALA A 114 -2.91 -6.55 -6.23
CA ALA A 114 -2.34 -5.22 -6.39
C ALA A 114 -1.97 -4.66 -5.02
N LEU A 115 -2.84 -4.84 -4.03
CA LEU A 115 -2.63 -4.36 -2.67
C LEU A 115 -1.42 -5.07 -2.03
N ALA A 116 -1.38 -6.40 -2.06
CA ALA A 116 -0.19 -7.14 -1.64
C ALA A 116 1.05 -6.66 -2.38
N LEU A 117 1.05 -6.60 -3.71
CA LEU A 117 2.22 -6.09 -4.45
C LEU A 117 2.66 -4.71 -4.02
N HIS A 118 1.71 -3.85 -3.66
CA HIS A 118 2.08 -2.52 -3.23
C HIS A 118 2.96 -2.63 -1.99
N MET A 119 2.67 -3.55 -1.07
CA MET A 119 3.55 -3.56 0.12
C MET A 119 5.03 -3.79 -0.25
N GLN A 120 5.24 -4.71 -1.18
CA GLN A 120 6.58 -4.99 -1.73
C GLN A 120 7.14 -3.79 -2.51
N LEU A 121 6.37 -3.15 -3.38
CA LEU A 121 6.96 -2.06 -4.18
C LEU A 121 7.26 -0.81 -3.34
N SER A 122 6.35 -0.53 -2.43
CA SER A 122 6.55 0.52 -1.45
C SER A 122 7.88 0.27 -0.72
N ARG A 123 8.15 -0.96 -0.29
CA ARG A 123 9.36 -1.23 0.53
C ARG A 123 10.65 -1.00 -0.26
N GLY A 124 10.60 -1.36 -1.53
CA GLY A 124 11.71 -1.08 -2.43
C GLY A 124 12.04 0.39 -2.40
N LEU A 125 11.02 1.25 -2.43
CA LEU A 125 11.23 2.70 -2.37
C LEU A 125 11.77 3.19 -1.03
N THR A 126 11.17 2.73 0.04
CA THR A 126 11.55 3.22 1.37
C THR A 126 12.91 2.65 1.85
N LEU A 127 13.17 1.38 1.53
CA LEU A 127 14.48 0.75 1.79
C LEU A 127 15.53 1.45 0.93
N GLY A 128 15.26 1.72 -0.35
CA GLY A 128 16.03 2.67 -1.13
C GLY A 128 16.47 3.92 -0.38
N TYR A 129 15.54 4.56 0.32
CA TYR A 129 15.86 5.77 1.06
C TYR A 129 16.79 5.46 2.22
N GLU A 130 16.50 4.38 2.96
CA GLU A 130 17.34 3.94 4.08
C GLU A 130 18.77 3.76 3.52
N TRP A 131 18.88 3.05 2.39
CA TRP A 131 20.15 2.77 1.74
C TRP A 131 20.98 3.99 1.40
N ARG A 132 20.36 5.04 0.85
CA ARG A 132 21.07 6.24 0.45
C ARG A 132 21.28 7.21 1.62
N HIS A 133 20.50 7.12 2.69
CA HIS A 133 20.46 8.25 3.65
C HIS A 133 20.50 7.92 5.13
N GLY A 134 20.40 6.66 5.50
CA GLY A 134 20.38 6.36 6.92
C GLY A 134 21.81 6.09 7.37
N ASP A 135 21.96 5.96 8.68
CA ASP A 135 23.19 5.53 9.33
C ASP A 135 23.70 4.16 8.85
N GLU A 136 24.85 3.70 9.34
CA GLU A 136 25.45 2.50 8.78
C GLU A 136 24.67 1.20 9.05
N ARG A 137 24.04 1.09 10.21
CA ARG A 137 23.22 -0.08 10.54
C ARG A 137 22.08 -0.20 9.53
N ALA A 138 21.35 0.90 9.39
CA ALA A 138 20.30 1.14 8.41
C ALA A 138 20.70 0.83 6.96
N ARG A 139 21.81 1.40 6.45
CA ARG A 139 22.23 1.15 5.07
C ARG A 139 22.53 -0.31 4.79
N THR A 140 23.07 -1.00 5.79
CA THR A 140 23.51 -2.38 5.69
C THR A 140 22.32 -3.34 5.74
N LEU A 141 21.45 -3.20 6.72
CA LEU A 141 20.17 -3.91 6.61
C LEU A 141 19.46 -3.71 5.28
N ALA A 142 19.24 -2.45 4.89
CA ALA A 142 18.51 -2.10 3.65
C ALA A 142 19.09 -2.78 2.42
N GLU A 143 20.41 -2.65 2.30
CA GLU A 143 21.12 -3.19 1.14
C GLU A 143 20.94 -4.69 1.08
N ARG A 144 21.10 -5.37 2.21
CA ARG A 144 20.88 -6.81 2.21
C ARG A 144 19.42 -7.18 1.90
N ILE A 145 18.44 -6.49 2.44
CA ILE A 145 17.07 -6.90 2.08
C ILE A 145 16.79 -6.62 0.59
N LEU A 146 17.26 -5.47 0.12
CA LEU A 146 17.00 -5.04 -1.28
C LEU A 146 17.51 -6.06 -2.30
N ARG A 147 18.77 -6.47 -2.10
CA ARG A 147 19.41 -7.51 -2.92
C ARG A 147 18.58 -8.77 -2.79
N GLY A 148 18.16 -9.11 -1.57
CA GLY A 148 17.20 -10.23 -1.51
C GLY A 148 15.91 -10.06 -2.32
N MET A 149 15.39 -8.83 -2.35
CA MET A 149 14.17 -8.57 -3.15
C MET A 149 14.36 -8.85 -4.64
N VAL A 150 15.52 -8.40 -5.15
CA VAL A 150 15.88 -8.63 -6.57
C VAL A 150 16.06 -10.11 -6.88
N ALA A 151 16.76 -10.83 -6.00
CA ALA A 151 16.97 -12.28 -6.08
C ALA A 151 15.68 -13.12 -6.01
N GLY A 152 14.59 -12.56 -5.51
CA GLY A 152 13.40 -13.39 -5.34
C GLY A 152 13.41 -14.12 -4.00
N ASP A 153 14.40 -13.81 -3.18
CA ASP A 153 14.51 -14.41 -1.86
C ASP A 153 13.82 -13.62 -0.76
N ALA A 154 13.57 -12.33 -0.95
CA ALA A 154 12.91 -11.56 0.11
C ALA A 154 11.54 -11.02 -0.33
N VAL A 155 10.53 -11.29 0.49
CA VAL A 155 9.13 -10.86 0.31
C VAL A 155 8.80 -10.19 1.63
N VAL A 156 8.65 -8.87 1.53
CA VAL A 156 8.69 -8.02 2.72
C VAL A 156 7.29 -7.48 3.07
N CYS A 157 6.80 -7.88 4.24
CA CYS A 157 5.47 -7.58 4.73
C CYS A 157 5.64 -6.44 5.72
N SER A 158 4.50 -5.88 6.12
CA SER A 158 4.56 -4.68 6.93
C SER A 158 3.52 -4.87 8.03
N GLY A 159 3.94 -4.65 9.28
CA GLY A 159 3.09 -4.91 10.45
C GLY A 159 3.01 -3.67 11.32
N ILE A 160 1.98 -2.82 11.14
CA ILE A 160 1.96 -1.55 11.87
C ILE A 160 1.01 -1.54 13.05
N LYS A 161 -0.21 -2.03 12.85
CA LYS A 161 -1.27 -1.88 13.84
C LYS A 161 -1.32 -3.05 14.81
N ASP A 162 -1.22 -2.75 16.10
CA ASP A 162 -1.40 -3.76 17.14
C ASP A 162 -2.81 -4.32 17.18
N HIS A 163 -2.91 -5.64 17.38
CA HIS A 163 -4.15 -6.28 17.80
C HIS A 163 -4.60 -5.66 19.13
N HIS A 164 -5.92 -5.64 19.37
CA HIS A 164 -6.50 -4.97 20.54
C HIS A 164 -5.96 -5.54 21.85
N THR A 165 -5.66 -6.84 21.86
CA THR A 165 -5.16 -7.55 23.05
C THR A 165 -3.72 -7.18 23.39
N ALA A 166 -2.99 -6.43 22.56
CA ALA A 166 -1.54 -6.38 22.76
C ALA A 166 -0.94 -5.03 22.45
N VAL A 167 0.09 -4.64 23.19
CA VAL A 167 0.97 -3.53 22.80
C VAL A 167 2.36 -4.06 22.38
N THR A 168 2.70 -4.05 21.09
CA THR A 168 3.97 -4.61 20.60
C THR A 168 5.20 -3.82 21.07
N THR A 169 5.99 -4.49 21.90
CA THR A 169 7.17 -3.90 22.53
C THR A 169 8.45 -4.69 22.27
N LEU A 170 9.56 -3.96 22.26
CA LEU A 170 10.92 -4.49 22.17
C LEU A 170 11.57 -4.26 23.52
N ARG A 171 12.11 -5.32 24.12
CA ARG A 171 12.85 -5.20 25.37
C ARG A 171 14.27 -5.75 25.15
N PRO A 172 15.27 -5.15 25.82
CA PRO A 172 16.64 -5.62 25.72
C PRO A 172 16.74 -7.02 26.32
N ASP A 173 17.48 -7.90 25.64
CA ASP A 173 17.69 -9.30 26.03
C ASP A 173 18.77 -9.45 27.10
N GLY A 174 19.31 -8.30 27.50
CA GLY A 174 20.43 -8.22 28.44
C GLY A 174 21.77 -8.59 27.84
N ALA A 175 21.90 -8.55 26.50
CA ALA A 175 23.06 -9.14 25.82
C ALA A 175 23.34 -8.58 24.43
N GLY A 176 22.93 -7.33 24.19
CA GLY A 176 23.14 -6.74 22.87
C GLY A 176 21.94 -6.65 21.95
N GLY A 177 21.15 -7.72 21.89
CA GLY A 177 19.93 -7.78 21.09
C GLY A 177 18.61 -7.46 21.78
N TRP A 178 17.51 -7.94 21.21
CA TRP A 178 16.16 -7.66 21.74
C TRP A 178 15.20 -8.84 21.72
N LEU A 179 14.18 -8.71 22.55
CA LEU A 179 13.04 -9.63 22.58
C LEU A 179 11.75 -8.88 22.23
N LEU A 180 11.10 -9.36 21.18
CA LEU A 180 9.91 -8.70 20.62
C LEU A 180 8.71 -9.50 21.05
N SER A 181 7.81 -8.90 21.81
CA SER A 181 6.53 -9.52 22.12
C SER A 181 5.33 -8.70 21.64
N GLY A 182 4.25 -9.38 21.32
CA GLY A 182 3.06 -8.70 20.81
C GLY A 182 2.40 -9.44 19.68
N ARG A 183 1.61 -8.68 18.90
CA ARG A 183 0.76 -9.19 17.83
C ARG A 183 0.32 -8.00 16.96
N LYS A 184 0.44 -8.20 15.64
CA LYS A 184 0.04 -7.16 14.69
C LYS A 184 -1.17 -7.75 13.99
N THR A 185 -2.12 -6.89 13.67
CA THR A 185 -3.26 -7.31 12.86
C THR A 185 -3.16 -6.71 11.46
N LEU A 186 -3.77 -7.34 10.46
CA LEU A 186 -3.85 -6.80 9.08
C LEU A 186 -2.45 -6.73 8.44
N VAL A 187 -1.86 -7.87 8.11
CA VAL A 187 -0.52 -7.89 7.54
C VAL A 187 -0.67 -8.54 6.19
N SER A 188 -0.95 -7.74 5.16
CA SER A 188 -1.19 -8.31 3.85
C SER A 188 0.10 -9.00 3.38
N MET A 189 -0.08 -10.01 2.54
CA MET A 189 0.97 -10.78 1.86
C MET A 189 1.67 -11.70 2.84
N ALA A 190 1.14 -11.84 4.05
CA ALA A 190 1.87 -12.50 5.12
C ALA A 190 2.12 -13.99 4.84
N PRO A 191 1.14 -14.69 4.23
CA PRO A 191 1.35 -16.12 4.02
C PRO A 191 2.60 -16.43 3.20
N VAL A 192 3.20 -15.44 2.55
CA VAL A 192 4.33 -15.70 1.67
C VAL A 192 5.48 -14.80 2.10
N GLY A 193 5.32 -14.09 3.22
CA GLY A 193 6.34 -13.12 3.58
C GLY A 193 7.57 -13.80 4.19
N THR A 194 8.75 -13.31 3.85
CA THR A 194 9.96 -13.91 4.42
C THR A 194 10.48 -12.94 5.45
N HIS A 195 10.09 -11.67 5.33
CA HIS A 195 10.58 -10.57 6.16
C HIS A 195 9.41 -9.67 6.55
N PHE A 196 9.42 -9.23 7.80
CA PHE A 196 8.28 -8.49 8.34
C PHE A 196 8.81 -7.27 9.04
N VAL A 197 8.55 -6.10 8.46
CA VAL A 197 8.95 -4.86 9.14
C VAL A 197 7.85 -4.41 10.10
N ILE A 198 8.21 -4.40 11.39
CA ILE A 198 7.23 -4.32 12.44
C ILE A 198 7.35 -2.99 13.17
N ASN A 199 6.26 -2.24 13.37
CA ASN A 199 6.24 -1.05 14.23
C ASN A 199 6.13 -1.45 15.70
N ALA A 200 7.14 -1.13 16.50
CA ALA A 200 7.17 -1.56 17.89
C ALA A 200 7.67 -0.38 18.70
N ARG A 201 7.37 -0.37 20.01
CA ARG A 201 7.94 0.59 20.95
C ARG A 201 8.94 -0.09 21.88
N THR A 202 10.04 0.59 22.15
CA THR A 202 10.99 0.08 23.13
C THR A 202 10.30 0.10 24.50
N ASP A 203 10.82 -0.74 25.38
CA ASP A 203 10.52 -0.71 26.81
C ASP A 203 11.60 -1.42 27.62
N GLY A 204 11.59 -1.15 28.93
CA GLY A 204 12.49 -1.79 29.89
C GLY A 204 13.93 -1.31 29.80
N THR A 205 14.14 -0.21 29.07
CA THR A 205 15.45 0.46 29.06
C THR A 205 15.38 1.68 29.98
N ASP A 206 15.86 2.83 29.49
CA ASP A 206 15.97 4.00 30.35
C ASP A 206 15.63 5.29 29.60
N GLY A 207 15.78 5.27 28.28
CA GLY A 207 15.32 6.39 27.47
C GLY A 207 13.81 6.50 27.57
N PRO A 208 13.23 7.69 27.27
CA PRO A 208 11.80 7.64 27.01
C PRO A 208 11.53 6.60 25.90
N PRO A 209 10.33 5.98 25.89
CA PRO A 209 10.12 4.98 24.84
C PRO A 209 10.37 5.53 23.42
N ARG A 210 10.94 4.72 22.54
CA ARG A 210 11.09 5.10 21.13
C ARG A 210 10.14 4.33 20.23
N LEU A 211 9.92 4.89 19.05
CA LEU A 211 9.39 4.11 17.93
C LEU A 211 10.57 3.30 17.38
N ALA A 212 10.31 2.04 17.04
CA ALA A 212 11.37 1.19 16.52
C ALA A 212 10.77 0.31 15.45
N SER A 213 11.57 0.00 14.45
CA SER A 213 11.12 -0.90 13.39
C SER A 213 12.00 -2.15 13.33
N PRO A 214 11.78 -3.15 14.22
CA PRO A 214 12.48 -4.42 14.01
C PRO A 214 12.08 -5.11 12.69
N VAL A 215 13.02 -5.81 12.08
CA VAL A 215 12.72 -6.64 10.94
C VAL A 215 12.77 -8.08 11.42
N VAL A 216 11.67 -8.82 11.36
CA VAL A 216 11.54 -10.19 11.79
C VAL A 216 11.54 -11.12 10.56
N THR A 217 12.34 -12.17 10.59
CA THR A 217 12.33 -13.13 9.46
C THR A 217 11.37 -14.27 9.79
N ARG A 218 10.92 -14.99 8.76
CA ARG A 218 9.79 -15.89 8.95
C ARG A 218 10.17 -17.01 9.91
N ASP A 219 11.45 -17.38 9.94
CA ASP A 219 11.89 -18.46 10.84
C ASP A 219 12.33 -17.99 12.23
N THR A 220 12.13 -16.73 12.63
CA THR A 220 12.49 -16.32 13.99
C THR A 220 11.60 -17.15 14.92
N PRO A 221 12.12 -17.60 16.09
CA PRO A 221 11.32 -18.45 16.97
C PRO A 221 10.30 -17.62 17.74
N GLY A 222 9.14 -18.20 18.08
CA GLY A 222 8.08 -17.44 18.68
C GLY A 222 7.26 -16.58 17.72
N PHE A 223 7.70 -16.50 16.46
CA PHE A 223 7.01 -15.71 15.45
C PHE A 223 6.03 -16.64 14.76
N THR A 224 4.72 -16.36 14.88
CA THR A 224 3.68 -17.11 14.17
C THR A 224 2.81 -16.27 13.20
N VAL A 225 2.62 -16.77 11.97
CA VAL A 225 1.69 -16.21 11.00
C VAL A 225 0.36 -16.94 11.11
N LEU A 226 -0.71 -16.24 11.47
CA LEU A 226 -2.02 -16.85 11.61
C LEU A 226 -2.71 -17.00 10.25
N ASP A 227 -3.92 -17.53 10.25
CA ASP A 227 -4.62 -17.79 9.01
C ASP A 227 -6.05 -17.29 9.26
N ASN A 228 -6.20 -16.11 9.84
CA ASN A 228 -7.54 -15.67 10.23
C ASN A 228 -8.00 -14.45 9.41
N TRP A 229 -7.70 -14.35 8.10
CA TRP A 229 -8.11 -13.16 7.32
C TRP A 229 -9.43 -13.57 6.72
N ASP A 230 -10.51 -12.91 7.11
CA ASP A 230 -11.82 -13.14 6.51
C ASP A 230 -12.41 -11.77 6.12
N GLY A 231 -12.14 -11.35 4.89
CA GLY A 231 -12.42 -9.95 4.56
C GLY A 231 -13.78 -9.74 3.92
N LEU A 232 -14.38 -8.55 4.05
CA LEU A 232 -15.53 -8.17 3.19
C LEU A 232 -15.04 -8.16 1.74
N GLY A 233 -13.97 -7.38 1.52
CA GLY A 233 -13.24 -7.44 0.27
C GLY A 233 -11.74 -7.63 0.50
N MET A 234 -10.97 -7.46 -0.57
CA MET A 234 -9.52 -7.69 -0.52
C MET A 234 -9.32 -9.09 0.11
N ARG A 235 -10.21 -10.03 -0.24
CA ARG A 235 -10.29 -11.32 0.42
C ARG A 235 -9.07 -12.23 0.17
N ALA A 236 -8.33 -11.95 -0.89
CA ALA A 236 -7.17 -12.73 -1.32
C ALA A 236 -5.86 -12.03 -0.99
N SER A 237 -5.87 -11.01 -0.13
CA SER A 237 -4.65 -10.23 0.05
C SER A 237 -3.79 -10.81 1.16
N GLY A 238 -4.23 -11.87 1.83
CA GLY A 238 -3.37 -12.52 2.84
C GLY A 238 -3.20 -11.70 4.09
N THR A 239 -4.28 -11.00 4.48
CA THR A 239 -4.18 -9.91 5.46
C THR A 239 -4.44 -10.43 6.89
N VAL A 240 -3.57 -11.36 7.29
CA VAL A 240 -3.68 -12.07 8.57
C VAL A 240 -2.99 -11.37 9.74
N ASP A 241 -3.21 -11.89 10.94
CA ASP A 241 -2.51 -11.36 12.11
C ASP A 241 -1.18 -12.10 12.18
N ILE A 242 -0.19 -11.49 12.82
CA ILE A 242 1.07 -12.18 13.15
C ILE A 242 1.35 -12.00 14.65
N VAL A 243 1.88 -13.05 15.28
CA VAL A 243 2.13 -13.05 16.73
C VAL A 243 3.62 -13.13 17.05
N PHE A 244 4.11 -12.34 18.00
CA PHE A 244 5.50 -12.39 18.44
C PHE A 244 5.50 -12.78 19.89
N ASP A 245 6.20 -13.88 20.16
CA ASP A 245 6.31 -14.38 21.53
C ASP A 245 7.79 -14.55 21.90
N ASP A 246 8.30 -13.57 22.64
CA ASP A 246 9.70 -13.54 23.02
C ASP A 246 10.55 -13.77 21.79
N CYS A 247 10.25 -13.09 20.68
CA CYS A 247 11.05 -13.21 19.45
C CYS A 247 12.42 -12.56 19.57
N PRO A 248 13.50 -13.35 19.35
CA PRO A 248 14.81 -12.72 19.43
C PRO A 248 15.16 -11.93 18.15
N ILE A 249 15.44 -10.65 18.35
CA ILE A 249 15.78 -9.84 17.20
C ILE A 249 17.14 -9.25 17.50
N PRO A 250 18.12 -9.44 16.60
CA PRO A 250 19.45 -8.87 16.80
C PRO A 250 19.38 -7.35 16.75
N ALA A 251 20.38 -6.66 17.30
CA ALA A 251 20.38 -5.19 17.33
C ALA A 251 20.49 -4.59 15.94
N ASP A 252 21.21 -5.25 15.06
CA ASP A 252 21.40 -4.72 13.72
C ASP A 252 20.29 -5.05 12.70
N HIS A 253 19.24 -5.74 13.13
CA HIS A 253 18.01 -5.93 12.37
C HIS A 253 16.90 -4.97 12.84
N VAL A 254 17.29 -3.88 13.48
CA VAL A 254 16.36 -2.92 14.08
C VAL A 254 16.65 -1.49 13.57
N LEU A 255 15.65 -0.90 12.90
CA LEU A 255 15.63 0.51 12.54
C LEU A 255 15.00 1.40 13.62
N MET A 256 15.84 2.10 14.38
CA MET A 256 15.32 2.92 15.47
C MET A 256 14.72 4.19 14.89
N ARG A 257 13.55 4.58 15.37
CA ARG A 257 12.88 5.81 14.93
C ARG A 257 13.04 6.87 16.02
N ASP A 258 12.12 7.83 16.15
CA ASP A 258 12.30 8.88 17.16
C ASP A 258 11.41 8.65 18.39
N PRO A 259 11.63 9.41 19.49
CA PRO A 259 10.83 9.16 20.69
C PRO A 259 9.33 9.32 20.48
N VAL A 260 8.52 8.50 21.15
CA VAL A 260 7.07 8.58 21.09
C VAL A 260 6.72 10.04 21.37
N GLY A 261 5.82 10.58 20.55
CA GLY A 261 5.21 11.90 20.71
C GLY A 261 6.14 13.09 20.59
N ALA A 262 7.34 12.90 20.05
CA ALA A 262 8.27 14.00 19.82
C ALA A 262 7.86 14.50 18.45
N ARG A 263 7.39 15.73 18.29
CA ARG A 263 6.72 16.11 17.04
C ARG A 263 7.75 16.54 15.98
N ASN A 264 7.85 15.78 14.90
CA ASN A 264 8.59 16.26 13.75
C ASN A 264 7.80 15.85 12.52
N ASP A 265 7.31 16.87 11.84
CA ASP A 265 6.49 16.70 10.65
C ASP A 265 7.30 16.03 9.54
N ALA A 266 8.62 15.97 9.74
CA ALA A 266 9.51 15.43 8.74
C ALA A 266 9.22 13.95 8.50
N VAL A 267 8.75 13.21 9.49
CA VAL A 267 8.37 11.81 9.28
C VAL A 267 7.22 11.62 8.30
N LEU A 268 6.46 12.68 8.03
CA LEU A 268 5.25 12.59 7.18
C LEU A 268 5.69 12.28 5.76
N ALA A 269 6.92 12.65 5.39
CA ALA A 269 7.37 12.41 4.04
C ALA A 269 7.48 10.91 3.83
N GLY A 270 8.00 10.19 4.84
CA GLY A 270 8.23 8.75 4.67
C GLY A 270 6.87 8.04 4.63
N GLN A 271 6.00 8.53 5.49
CA GLN A 271 4.63 8.02 5.54
C GLN A 271 3.79 8.36 4.32
N THR A 272 4.26 9.31 3.52
CA THR A 272 3.62 9.54 2.24
C THR A 272 4.21 8.54 1.24
N VAL A 273 5.55 8.48 1.15
CA VAL A 273 6.22 7.56 0.23
C VAL A 273 5.67 6.15 0.36
N SER A 274 5.51 5.68 1.59
CA SER A 274 5.17 4.28 1.79
C SER A 274 3.71 3.87 1.48
N SER A 275 2.73 4.78 1.34
CA SER A 275 1.34 4.42 1.00
C SER A 275 0.74 5.15 -0.20
N VAL A 276 1.22 6.32 -0.58
CA VAL A 276 0.52 7.18 -1.55
C VAL A 276 0.25 6.47 -2.87
N SER A 277 1.15 5.59 -3.28
CA SER A 277 0.96 4.95 -4.58
C SER A 277 -0.13 3.88 -4.50
N VAL A 278 -0.50 3.38 -3.33
CA VAL A 278 -1.69 2.50 -3.23
C VAL A 278 -2.95 3.15 -3.80
N LEU A 279 -3.00 4.48 -3.92
CA LEU A 279 -4.19 5.10 -4.50
C LEU A 279 -4.50 4.50 -5.89
N GLY A 280 -3.45 4.06 -6.59
CA GLY A 280 -3.63 3.52 -7.92
C GLY A 280 -4.48 2.26 -7.91
N VAL A 281 -4.43 1.51 -6.80
CA VAL A 281 -5.26 0.29 -6.73
C VAL A 281 -6.74 0.67 -6.89
N TYR A 282 -7.15 1.72 -6.16
CA TYR A 282 -8.61 2.07 -6.15
C TYR A 282 -8.96 2.72 -7.50
N VAL A 283 -7.97 3.43 -8.06
CA VAL A 283 -8.20 4.01 -9.39
C VAL A 283 -8.41 2.84 -10.36
N GLY A 284 -7.69 1.73 -10.18
CA GLY A 284 -7.83 0.61 -11.14
C GLY A 284 -9.12 -0.17 -10.96
N VAL A 285 -9.55 -0.30 -9.71
CA VAL A 285 -10.87 -0.92 -9.42
C VAL A 285 -11.98 -0.09 -10.08
N ALA A 286 -11.87 1.23 -10.07
CA ALA A 286 -12.89 2.12 -10.64
C ALA A 286 -12.87 1.91 -12.14
N GLN A 287 -11.67 1.94 -12.73
CA GLN A 287 -11.49 1.69 -14.16
C GLN A 287 -12.08 0.35 -14.64
N ALA A 288 -11.91 -0.67 -13.82
CA ALA A 288 -12.36 -2.01 -14.19
C ALA A 288 -13.90 -2.09 -14.08
N ALA A 289 -14.47 -1.41 -13.08
CA ALA A 289 -15.94 -1.36 -12.97
C ALA A 289 -16.51 -0.67 -14.22
N TYR A 290 -15.86 0.41 -14.67
CA TYR A 290 -16.38 1.18 -15.80
C TYR A 290 -16.33 0.37 -17.11
N ASP A 291 -15.20 -0.30 -17.28
CA ASP A 291 -14.90 -1.08 -18.48
C ASP A 291 -15.93 -2.19 -18.56
N THR A 292 -16.20 -2.82 -17.42
CA THR A 292 -17.28 -3.79 -17.30
C THR A 292 -18.66 -3.26 -17.60
N ALA A 293 -19.02 -2.10 -17.04
CA ALA A 293 -20.30 -1.53 -17.32
C ALA A 293 -20.44 -1.19 -18.81
N VAL A 294 -19.37 -0.71 -19.43
CA VAL A 294 -19.50 -0.15 -20.80
C VAL A 294 -19.60 -1.36 -21.72
N ALA A 295 -18.84 -2.43 -21.45
CA ALA A 295 -18.88 -3.68 -22.23
C ALA A 295 -20.27 -4.28 -22.15
N ALA A 296 -20.89 -4.28 -20.96
CA ALA A 296 -22.27 -4.71 -20.76
C ALA A 296 -23.31 -3.94 -21.59
N LEU A 297 -23.20 -2.62 -21.63
CA LEU A 297 -24.09 -1.82 -22.47
C LEU A 297 -23.90 -2.08 -23.97
N GLU A 298 -22.65 -2.18 -24.42
CA GLU A 298 -22.37 -2.34 -25.85
C GLU A 298 -22.77 -3.71 -26.37
N ARG A 299 -23.00 -4.65 -25.45
CA ARG A 299 -23.43 -6.01 -25.74
C ARG A 299 -24.96 -6.08 -25.78
N ARG A 300 -25.65 -4.94 -25.76
CA ARG A 300 -27.10 -5.05 -25.73
C ARG A 300 -27.75 -4.73 -27.07
N PRO A 301 -28.80 -5.50 -27.43
CA PRO A 301 -29.65 -5.25 -28.60
C PRO A 301 -30.17 -3.80 -28.63
N GLU A 302 -30.91 -3.39 -27.59
CA GLU A 302 -31.53 -2.06 -27.57
C GLU A 302 -30.56 -0.88 -27.39
N PRO A 303 -30.94 0.28 -27.92
CA PRO A 303 -30.02 1.39 -27.65
C PRO A 303 -30.10 1.85 -26.16
N PRO A 304 -29.01 2.27 -25.52
CA PRO A 304 -29.11 2.66 -24.11
C PRO A 304 -30.22 3.69 -23.81
N GLN A 305 -30.82 3.57 -22.64
CA GLN A 305 -31.86 4.49 -22.20
C GLN A 305 -31.30 5.87 -21.73
N ALA A 306 -32.17 6.88 -21.58
CA ALA A 306 -31.75 8.21 -21.07
C ALA A 306 -30.84 8.14 -19.83
N ALA A 307 -31.22 7.39 -18.81
CA ALA A 307 -30.49 7.45 -17.55
C ALA A 307 -29.20 6.69 -17.68
N ALA A 308 -29.16 5.68 -18.54
CA ALA A 308 -27.94 4.94 -18.83
C ALA A 308 -26.92 5.82 -19.54
N LEU A 309 -27.33 6.63 -20.52
CA LEU A 309 -26.42 7.58 -21.19
C LEU A 309 -25.92 8.61 -20.17
N THR A 310 -26.82 9.04 -19.27
CA THR A 310 -26.47 10.07 -18.32
C THR A 310 -25.44 9.53 -17.32
N LEU A 311 -25.67 8.32 -16.79
CA LEU A 311 -24.72 7.62 -15.93
C LEU A 311 -23.32 7.42 -16.54
N VAL A 312 -23.33 6.96 -17.79
CA VAL A 312 -22.07 6.74 -18.48
C VAL A 312 -21.28 8.07 -18.54
N ALA A 313 -21.94 9.20 -18.80
CA ALA A 313 -21.20 10.48 -18.88
C ALA A 313 -20.75 10.86 -17.46
N GLU A 314 -21.63 10.68 -16.47
CA GLU A 314 -21.25 11.04 -15.08
C GLU A 314 -20.05 10.20 -14.64
N ILE A 315 -20.07 8.91 -14.92
CA ILE A 315 -18.95 8.06 -14.57
C ILE A 315 -17.69 8.42 -15.38
N ASP A 316 -17.82 8.66 -16.67
CA ASP A 316 -16.68 9.08 -17.48
C ASP A 316 -15.99 10.28 -16.79
N SER A 317 -16.79 11.27 -16.39
CA SER A 317 -16.23 12.49 -15.77
C SER A 317 -15.65 12.20 -14.38
N ARG A 318 -16.39 11.49 -13.53
CA ARG A 318 -15.89 11.17 -12.18
C ARG A 318 -14.58 10.36 -12.21
N LEU A 319 -14.46 9.42 -13.15
CA LEU A 319 -13.24 8.62 -13.35
C LEU A 319 -12.10 9.53 -13.81
N TYR A 320 -12.42 10.47 -14.70
CA TYR A 320 -11.41 11.43 -15.10
C TYR A 320 -10.90 12.20 -13.89
N ALA A 321 -11.81 12.67 -13.02
CA ALA A 321 -11.41 13.48 -11.87
C ALA A 321 -10.64 12.65 -10.85
N LEU A 322 -11.05 11.40 -10.69
CA LEU A 322 -10.37 10.45 -9.78
C LEU A 322 -8.90 10.22 -10.24
N ARG A 323 -8.73 9.83 -11.49
CA ARG A 323 -7.40 9.70 -12.15
C ARG A 323 -6.56 10.97 -12.05
N ALA A 324 -7.17 12.14 -12.30
CA ALA A 324 -6.37 13.38 -12.25
C ALA A 324 -5.99 13.78 -10.84
N THR A 325 -6.84 13.41 -9.88
CA THR A 325 -6.57 13.85 -8.51
C THR A 325 -5.48 12.94 -7.92
N ALA A 326 -5.57 11.62 -8.18
CA ALA A 326 -4.53 10.69 -7.73
C ALA A 326 -3.22 10.95 -8.50
N GLY A 327 -3.29 11.05 -9.83
CA GLY A 327 -2.17 11.38 -10.71
C GLY A 327 -1.42 12.63 -10.26
N SER A 328 -2.15 13.71 -10.04
CA SER A 328 -1.60 14.99 -9.57
C SER A 328 -0.92 14.95 -8.21
N ALA A 329 -1.56 14.34 -7.23
CA ALA A 329 -0.89 14.16 -5.92
C ALA A 329 0.40 13.30 -5.99
N LEU A 330 0.40 12.28 -6.85
CA LEU A 330 1.53 11.39 -7.11
C LEU A 330 2.67 12.17 -7.77
N THR A 331 2.35 12.92 -8.83
CA THR A 331 3.28 13.86 -9.44
C THR A 331 3.89 14.80 -8.44
N ALA A 332 3.05 15.49 -7.67
CA ALA A 332 3.58 16.36 -6.65
C ALA A 332 4.43 15.63 -5.60
N ALA A 333 4.00 14.45 -5.18
CA ALA A 333 4.73 13.70 -4.16
C ALA A 333 6.12 13.32 -4.63
N ASP A 334 6.23 12.96 -5.91
CA ASP A 334 7.46 12.52 -6.52
C ASP A 334 8.39 13.72 -6.56
N ALA A 335 7.89 14.92 -6.85
CA ALA A 335 8.68 16.15 -6.89
C ALA A 335 9.13 16.59 -5.51
N LEU A 336 8.23 16.58 -4.55
CA LEU A 336 8.60 16.87 -3.18
C LEU A 336 9.54 15.79 -2.64
N SER A 337 9.30 14.54 -3.01
CA SER A 337 10.13 13.44 -2.55
C SER A 337 11.59 13.66 -2.98
N ALA A 338 11.80 14.06 -4.24
CA ALA A 338 13.13 14.17 -4.82
C ALA A 338 13.85 15.40 -4.27
N ASP A 339 13.14 16.38 -3.73
CA ASP A 339 13.86 17.56 -3.28
C ASP A 339 14.20 17.57 -1.79
N LEU A 340 15.46 17.29 -1.48
CA LEU A 340 15.90 17.25 -0.09
C LEU A 340 16.61 18.53 0.32
N SER A 341 16.57 19.55 -0.53
CA SER A 341 17.28 20.79 -0.25
C SER A 341 16.68 21.63 0.87
N GLY A 342 15.42 21.44 1.26
CA GLY A 342 14.80 22.52 2.02
C GLY A 342 14.51 22.23 3.46
N ASP A 343 13.51 22.90 4.03
CA ASP A 343 12.92 22.62 5.35
C ASP A 343 12.25 21.24 5.22
N MET A 344 12.77 20.25 5.95
CA MET A 344 12.32 18.86 5.94
C MET A 344 10.97 18.66 6.64
N ASP A 345 10.67 19.47 7.64
CA ASP A 345 9.35 19.49 8.23
C ASP A 345 8.28 20.01 7.25
N GLU A 346 8.61 21.07 6.53
CA GLU A 346 7.69 21.60 5.53
C GLU A 346 7.47 20.58 4.42
N ARG A 347 8.54 19.93 3.97
CA ARG A 347 8.48 18.92 2.93
C ARG A 347 7.49 17.83 3.35
N GLY A 348 7.57 17.44 4.63
CA GLY A 348 6.71 16.45 5.26
C GLY A 348 5.24 16.82 5.24
N ARG A 349 4.93 18.00 5.78
CA ARG A 349 3.59 18.57 5.79
C ARG A 349 2.95 18.64 4.40
N GLN A 350 3.74 19.13 3.44
CA GLN A 350 3.23 19.25 2.08
C GLN A 350 2.98 17.94 1.36
N MET A 351 3.89 17.00 1.59
CA MET A 351 3.70 15.64 1.10
C MET A 351 2.39 15.02 1.64
N MET A 352 2.20 15.07 2.94
CA MET A 352 1.03 14.51 3.59
C MET A 352 -0.27 15.24 3.18
N ARG A 353 -0.18 16.54 2.93
CA ARG A 353 -1.27 17.37 2.45
C ARG A 353 -1.73 16.93 1.07
N HIS A 354 -0.80 16.82 0.11
CA HIS A 354 -1.18 16.31 -1.19
C HIS A 354 -1.80 14.91 -1.07
N PHE A 355 -1.10 14.03 -0.34
CA PHE A 355 -1.57 12.66 -0.14
C PHE A 355 -2.98 12.66 0.47
N GLN A 356 -3.21 13.37 1.56
CA GLN A 356 -4.51 13.19 2.25
C GLN A 356 -5.70 13.91 1.57
N CYS A 357 -5.43 15.06 0.93
CA CYS A 357 -6.46 15.75 0.14
C CYS A 357 -6.87 14.77 -0.96
N ALA A 358 -5.94 14.13 -1.65
CA ALA A 358 -6.26 13.20 -2.74
C ALA A 358 -6.96 11.93 -2.24
N LYS A 359 -6.45 11.32 -1.18
CA LYS A 359 -7.02 10.12 -0.59
C LYS A 359 -8.48 10.29 -0.22
N LEU A 360 -8.85 11.40 0.42
CA LEU A 360 -10.22 11.68 0.80
C LEU A 360 -11.06 11.70 -0.47
N ALA A 361 -10.60 12.35 -1.54
CA ALA A 361 -11.35 12.32 -2.77
C ALA A 361 -11.39 10.93 -3.41
N VAL A 362 -10.28 10.20 -3.43
CA VAL A 362 -10.28 8.84 -4.02
C VAL A 362 -11.26 7.90 -3.34
N ASN A 363 -11.29 7.94 -2.00
CA ASN A 363 -12.21 7.17 -1.16
C ASN A 363 -13.69 7.54 -1.31
N ARG A 364 -14.01 8.69 -1.91
N ARG A 364 -13.96 8.70 -1.90
CA ARG A 364 -15.41 8.97 -2.22
CA ARG A 364 -15.31 9.19 -2.23
C ARG A 364 -15.65 8.70 -3.71
C ARG A 364 -15.62 8.75 -3.65
N LEU A 365 -14.76 9.13 -4.60
CA LEU A 365 -15.05 8.94 -6.04
C LEU A 365 -15.02 7.47 -6.46
N ALA A 366 -14.03 6.73 -5.95
CA ALA A 366 -13.88 5.36 -6.45
C ALA A 366 -15.06 4.50 -5.99
N PRO A 367 -15.52 4.53 -4.71
CA PRO A 367 -16.69 3.67 -4.46
C PRO A 367 -17.95 4.13 -5.20
N GLU A 368 -18.11 5.42 -5.32
CA GLU A 368 -19.28 5.94 -6.05
C GLU A 368 -19.22 5.48 -7.49
N ILE A 369 -18.12 5.65 -8.22
CA ILE A 369 -18.03 5.11 -9.60
C ILE A 369 -18.43 3.62 -9.62
N VAL A 370 -17.86 2.79 -8.75
CA VAL A 370 -18.18 1.34 -8.83
C VAL A 370 -19.68 1.14 -8.57
N SER A 371 -20.19 1.77 -7.52
CA SER A 371 -21.63 1.71 -7.29
C SER A 371 -22.51 2.13 -8.46
N ASP A 372 -22.22 3.24 -9.16
CA ASP A 372 -22.95 3.64 -10.37
C ASP A 372 -22.84 2.62 -11.50
N CYS A 373 -21.72 1.94 -11.62
CA CYS A 373 -21.62 0.89 -12.63
C CYS A 373 -22.64 -0.24 -12.42
N LEU A 374 -23.00 -0.57 -11.17
CA LEU A 374 -23.97 -1.65 -10.92
C LEU A 374 -25.29 -1.11 -11.41
N SER A 375 -25.54 0.19 -11.27
CA SER A 375 -26.78 0.75 -11.85
C SER A 375 -26.86 0.59 -13.36
N LEU A 376 -25.73 0.69 -14.06
CA LEU A 376 -25.71 0.49 -15.51
C LEU A 376 -25.95 -0.95 -15.96
N VAL A 377 -25.34 -1.88 -15.24
CA VAL A 377 -25.43 -3.27 -15.60
C VAL A 377 -26.78 -3.81 -15.13
N GLY A 378 -27.26 -3.45 -13.95
CA GLY A 378 -28.58 -3.91 -13.52
C GLY A 378 -28.35 -5.14 -12.65
N GLY A 379 -29.40 -5.98 -12.49
CA GLY A 379 -29.40 -7.06 -11.47
C GLY A 379 -28.42 -8.21 -11.64
N ALA A 380 -27.92 -8.42 -12.86
CA ALA A 380 -26.85 -9.40 -13.05
C ALA A 380 -25.66 -9.07 -12.13
N SER A 381 -25.43 -7.77 -11.91
CA SER A 381 -24.30 -7.41 -11.03
C SER A 381 -24.51 -7.80 -9.57
N TYR A 382 -25.74 -8.18 -9.23
CA TYR A 382 -26.00 -8.57 -7.84
C TYR A 382 -25.83 -10.06 -7.51
N THR A 383 -25.10 -10.80 -8.34
CA THR A 383 -24.91 -12.24 -8.07
C THR A 383 -23.45 -12.26 -7.64
N ALA A 384 -23.14 -13.15 -6.70
CA ALA A 384 -21.85 -13.13 -6.01
C ALA A 384 -20.71 -13.14 -6.99
N GLY A 385 -20.94 -13.78 -8.12
CA GLY A 385 -19.85 -14.05 -9.04
C GLY A 385 -19.62 -12.94 -10.04
N HIS A 386 -20.57 -12.02 -10.18
CA HIS A 386 -20.37 -10.98 -11.16
C HIS A 386 -19.12 -10.16 -10.81
N PRO A 387 -18.30 -9.70 -11.77
CA PRO A 387 -17.12 -8.88 -11.43
C PRO A 387 -17.46 -7.63 -10.59
N LEU A 388 -18.60 -6.97 -10.80
CA LEU A 388 -18.97 -5.73 -10.06
C LEU A 388 -19.16 -5.98 -8.57
N ALA A 389 -19.61 -7.19 -8.24
CA ALA A 389 -19.96 -7.60 -6.89
C ALA A 389 -18.68 -7.67 -6.09
N ARG A 390 -17.61 -8.21 -6.67
CA ARG A 390 -16.31 -8.13 -6.03
C ARG A 390 -15.65 -6.74 -5.99
N LEU A 391 -15.81 -5.95 -7.06
CA LEU A 391 -15.23 -4.63 -7.13
C LEU A 391 -15.97 -3.74 -6.11
N LEU A 392 -17.28 -3.90 -5.94
CA LEU A 392 -17.98 -3.11 -4.94
C LEU A 392 -17.42 -3.36 -3.55
N ARG A 393 -17.13 -4.61 -3.21
CA ARG A 393 -16.49 -4.93 -1.95
C ARG A 393 -15.02 -4.45 -1.82
N ASP A 394 -14.16 -4.75 -2.78
CA ASP A 394 -12.74 -4.35 -2.77
C ASP A 394 -12.52 -2.82 -2.69
N VAL A 395 -13.34 -2.09 -3.43
CA VAL A 395 -13.17 -0.63 -3.57
C VAL A 395 -13.31 0.14 -2.26
N GLN A 396 -14.00 -0.45 -1.30
CA GLN A 396 -14.14 0.12 0.04
C GLN A 396 -12.85 0.08 0.88
N ALA A 397 -11.87 -0.77 0.56
CA ALA A 397 -10.75 -1.00 1.48
C ALA A 397 -9.91 0.21 1.85
N GLY A 398 -9.80 1.16 0.91
CA GLY A 398 -8.94 2.32 1.13
C GLY A 398 -9.44 3.19 2.28
N ARG A 399 -10.76 3.10 2.53
CA ARG A 399 -11.39 3.91 3.58
C ARG A 399 -10.86 3.41 4.93
N PHE A 400 -10.28 2.20 4.99
CA PHE A 400 -9.84 1.71 6.29
C PHE A 400 -8.31 1.61 6.38
N MET A 401 -7.57 2.33 5.57
CA MET A 401 -6.11 2.17 5.58
C MET A 401 -5.49 3.48 6.10
N GLN A 402 -4.65 3.37 7.11
CA GLN A 402 -3.95 4.52 7.70
C GLN A 402 -2.60 4.69 7.01
N PRO A 403 -2.11 5.93 6.85
CA PRO A 403 -2.72 7.22 7.21
C PRO A 403 -3.60 7.75 6.07
N TYR A 404 -4.77 8.31 6.34
CA TYR A 404 -5.54 8.23 7.58
C TYR A 404 -6.94 7.81 7.16
N ALA A 405 -7.65 7.09 8.02
CA ALA A 405 -9.07 6.84 7.74
C ALA A 405 -9.79 8.19 7.85
N TYR A 406 -11.05 8.25 7.41
CA TYR A 406 -11.78 9.49 7.20
C TYR A 406 -11.77 10.38 8.46
N VAL A 407 -12.16 9.80 9.58
CA VAL A 407 -12.29 10.58 10.82
C VAL A 407 -10.96 11.22 11.22
N ASP A 408 -9.88 10.43 11.22
CA ASP A 408 -8.54 10.96 11.37
C ASP A 408 -8.07 11.86 10.23
N ALA A 409 -8.39 11.54 8.97
CA ALA A 409 -8.04 12.49 7.91
C ALA A 409 -8.65 13.89 8.17
N VAL A 410 -9.87 13.96 8.68
CA VAL A 410 -10.50 15.27 8.90
C VAL A 410 -9.72 16.05 9.99
N ASP A 411 -9.26 15.40 11.05
CA ASP A 411 -8.48 16.10 12.10
C ASP A 411 -7.16 16.61 11.50
N PHE A 412 -6.50 15.81 10.68
CA PHE A 412 -5.24 16.23 10.08
C PHE A 412 -5.46 17.42 9.12
N LEU A 413 -6.45 17.30 8.23
CA LEU A 413 -6.61 18.30 7.17
C LEU A 413 -7.09 19.64 7.76
N SER A 414 -8.06 19.58 8.65
CA SER A 414 -8.57 20.81 9.24
C SER A 414 -7.52 21.48 10.15
N ALA A 415 -6.70 20.71 10.86
CA ALA A 415 -5.56 21.29 11.59
C ALA A 415 -4.53 22.00 10.68
N GLN A 416 -4.16 21.36 9.58
CA GLN A 416 -3.29 21.99 8.59
C GLN A 416 -3.93 23.26 8.06
N ALA A 417 -5.18 23.17 7.62
CA ALA A 417 -5.85 24.30 6.98
C ALA A 417 -5.92 25.51 7.91
N LEU A 418 -6.01 25.30 9.22
CA LEU A 418 -6.30 26.37 10.15
C LEU A 418 -5.09 26.61 11.05
N GLY A 419 -3.96 26.01 10.72
CA GLY A 419 -2.71 26.15 11.47
C GLY A 419 -2.85 25.79 12.93
N ILE A 420 -3.34 24.58 13.22
CA ILE A 420 -3.46 24.10 14.59
C ILE A 420 -2.35 23.07 14.80
N GLU A 421 -1.59 23.23 15.88
CA GLU A 421 -0.42 22.39 16.19
C GLU A 421 -0.97 21.10 16.79
N ARG A 422 -0.41 19.97 16.34
CA ARG A 422 -0.94 18.65 16.65
C ARG A 422 0.18 17.65 16.39
N ASP A 423 0.13 16.50 17.07
CA ASP A 423 0.99 15.36 16.76
C ASP A 423 0.37 14.67 15.55
N ASN A 424 1.02 14.85 14.40
CA ASN A 424 0.54 14.31 13.14
C ASN A 424 1.09 12.91 12.83
N ASN A 425 1.90 12.33 13.71
CA ASN A 425 2.39 10.96 13.47
C ASN A 425 1.36 9.97 14.06
N TYR A 426 0.62 9.25 13.21
CA TYR A 426 -0.40 8.30 13.67
C TYR A 426 0.11 7.12 14.53
N MET A 427 1.33 6.64 14.25
CA MET A 427 1.96 5.62 15.06
C MET A 427 2.36 6.19 16.42
N SER A 428 2.79 7.44 16.43
CA SER A 428 3.19 8.10 17.67
C SER A 428 1.96 8.17 18.58
N THR A 429 0.87 8.69 18.01
CA THR A 429 -0.45 8.71 18.64
C THR A 429 -0.90 7.36 19.19
N TRP A 430 -0.80 6.32 18.37
CA TRP A 430 -1.15 4.94 18.71
C TRP A 430 -0.32 4.42 19.88
N ALA A 431 0.99 4.67 19.82
CA ALA A 431 1.88 4.45 20.95
C ALA A 431 1.44 5.19 22.23
N LYS A 432 0.94 6.43 22.14
CA LYS A 432 0.32 7.07 23.31
C LYS A 432 -0.81 6.18 23.83
#